data_8BS7
#
_entry.id   8BS7
#
_cell.length_a   34.873
_cell.length_b   35.154
_cell.length_c   153.125
_cell.angle_alpha   89.970
_cell.angle_beta   90.010
_cell.angle_gamma   90.540
#
_symmetry.space_group_name_H-M   'P 1'
#
_entity_poly.entity_id   1
_entity_poly.type   'polypeptide(L)'
_entity_poly.pdbx_seq_one_letter_code
;MHHHHHHHHENLYFQGMATRPSSLVDSLEDEEDPQTLRRERPGSPRPRKVPRNALTQPVDQLLKDLRKNPSMISDPDQRT
GREQLSNDELIKKLVTELAENSMIEAEEVRGTLGDISARIEAGFESLSALQVETIQTAQRCDHSDSIRILGENIKILDRS
MKTMMETMKLMMEKVDLLYASTAVGTSAPMLPSHPAPPRIYPQLPSAPTTDEWDIIP
;
_entity_poly.pdbx_strand_id   A,B,C,D,E,F,G,H
#
# COMPACT_ATOMS: atom_id res chain seq x y z
N ASN A 101 -10.51 -22.28 -51.94
CA ASN A 101 -9.87 -21.18 -51.24
C ASN A 101 -10.49 -20.97 -49.86
N SER A 102 -11.74 -21.42 -49.68
CA SER A 102 -12.38 -21.28 -48.38
C SER A 102 -11.78 -22.26 -47.37
N MET A 103 -11.51 -23.49 -47.79
CA MET A 103 -10.90 -24.48 -46.91
C MET A 103 -9.45 -24.14 -46.61
N ILE A 104 -8.67 -23.82 -47.65
CA ILE A 104 -7.27 -23.46 -47.45
C ILE A 104 -7.18 -22.28 -46.49
N GLU A 105 -8.05 -21.29 -46.68
CA GLU A 105 -8.11 -20.19 -45.72
C GLU A 105 -8.54 -20.70 -44.36
N ALA A 106 -9.51 -21.61 -44.32
CA ALA A 106 -9.93 -22.19 -43.05
C ALA A 106 -8.78 -22.93 -42.38
N GLU A 107 -7.98 -23.66 -43.17
CA GLU A 107 -6.82 -24.31 -42.59
C GLU A 107 -5.86 -23.28 -42.02
N GLU A 108 -5.68 -22.17 -42.72
CA GLU A 108 -4.81 -21.12 -42.22
C GLU A 108 -5.34 -20.53 -40.91
N VAL A 109 -6.63 -20.19 -40.88
CA VAL A 109 -7.21 -19.62 -39.65
C VAL A 109 -7.12 -20.61 -38.50
N ARG A 110 -7.34 -21.90 -38.78
CA ARG A 110 -7.24 -22.89 -37.71
C ARG A 110 -5.84 -22.92 -37.12
N GLY A 111 -4.82 -22.85 -37.98
CA GLY A 111 -3.46 -22.83 -37.47
C GLY A 111 -3.23 -21.64 -36.54
N THR A 112 -3.59 -20.45 -37.00
CA THR A 112 -3.39 -19.25 -36.18
C THR A 112 -4.17 -19.35 -34.88
N LEU A 113 -5.45 -19.74 -34.96
CA LEU A 113 -6.23 -19.87 -33.74
C LEU A 113 -5.64 -20.93 -32.82
N GLY A 114 -5.14 -22.02 -33.40
CA GLY A 114 -4.47 -23.03 -32.60
C GLY A 114 -3.22 -22.49 -31.94
N ASP A 115 -2.43 -21.72 -32.69
CA ASP A 115 -1.28 -21.04 -32.10
C ASP A 115 -1.71 -20.10 -30.99
N ILE A 116 -2.84 -19.43 -31.16
CA ILE A 116 -3.35 -18.52 -30.13
C ILE A 116 -3.57 -19.27 -28.83
N SER A 117 -4.32 -20.38 -28.88
CA SER A 117 -4.58 -21.16 -27.68
C SER A 117 -3.28 -21.60 -27.00
N ALA A 118 -2.27 -21.97 -27.80
CA ALA A 118 -1.00 -22.40 -27.23
C ALA A 118 -0.33 -21.26 -26.44
N ARG A 119 -0.30 -20.06 -27.02
CA ARG A 119 0.29 -18.93 -26.32
C ARG A 119 -0.48 -18.62 -25.04
N ILE A 120 -1.81 -18.75 -25.08
CA ILE A 120 -2.62 -18.52 -23.89
C ILE A 120 -2.21 -19.51 -22.79
N GLU A 121 -2.14 -20.80 -23.13
CA GLU A 121 -1.79 -21.79 -22.13
C GLU A 121 -0.37 -21.58 -21.61
N ALA A 122 0.56 -21.23 -22.51
CA ALA A 122 1.93 -20.97 -22.09
C ALA A 122 1.99 -19.82 -21.10
N GLY A 123 1.35 -18.70 -21.44
CA GLY A 123 1.37 -17.55 -20.55
C GLY A 123 0.78 -17.86 -19.19
N PHE A 124 -0.42 -18.44 -19.17
CA PHE A 124 -1.07 -18.75 -17.89
C PHE A 124 -0.25 -19.73 -17.08
N GLU A 125 0.29 -20.77 -17.74
CA GLU A 125 1.10 -21.76 -17.02
C GLU A 125 2.33 -21.13 -16.41
N SER A 126 2.99 -20.22 -17.14
CA SER A 126 4.20 -19.59 -16.62
C SER A 126 3.89 -18.65 -15.46
N LEU A 127 2.90 -17.76 -15.63
CA LEU A 127 2.59 -16.79 -14.59
C LEU A 127 2.24 -17.48 -13.28
N SER A 128 1.44 -18.56 -13.34
CA SER A 128 1.06 -19.27 -12.13
C SER A 128 2.28 -19.85 -11.44
N ALA A 129 3.23 -20.39 -12.20
CA ALA A 129 4.44 -20.95 -11.61
C ALA A 129 5.21 -19.90 -10.83
N LEU A 130 5.24 -18.66 -11.33
CA LEU A 130 5.91 -17.59 -10.60
C LEU A 130 5.10 -17.09 -9.42
N GLN A 131 3.77 -17.25 -9.45
CA GLN A 131 2.97 -16.87 -8.28
C GLN A 131 3.08 -17.89 -7.16
N VAL A 132 3.10 -19.19 -7.47
CA VAL A 132 3.29 -20.18 -6.42
C VAL A 132 4.67 -20.01 -5.79
N GLU A 133 5.66 -19.64 -6.59
CA GLU A 133 6.95 -19.25 -6.02
C GLU A 133 6.83 -17.96 -5.24
N THR A 134 5.98 -17.04 -5.69
CA THR A 134 5.80 -15.77 -4.98
C THR A 134 5.13 -16.00 -3.63
N ILE A 135 4.02 -16.74 -3.61
CA ILE A 135 3.31 -16.98 -2.35
C ILE A 135 4.20 -17.73 -1.37
N GLN A 136 4.99 -18.67 -1.88
CA GLN A 136 5.90 -19.40 -1.02
C GLN A 136 6.96 -18.48 -0.44
N THR A 137 7.50 -17.58 -1.26
CA THR A 137 8.47 -16.61 -0.76
C THR A 137 7.83 -15.69 0.26
N ALA A 138 6.59 -15.26 0.02
CA ALA A 138 5.90 -14.42 0.99
C ALA A 138 5.75 -15.14 2.32
N GLN A 139 5.33 -16.40 2.28
CA GLN A 139 5.18 -17.18 3.50
C GLN A 139 6.45 -17.17 4.34
N ARG A 140 7.62 -17.16 3.69
CA ARG A 140 8.88 -17.11 4.42
C ARG A 140 9.01 -15.85 5.25
N CYS A 141 8.48 -14.72 4.77
CA CYS A 141 8.65 -13.45 5.48
C CYS A 141 7.84 -13.36 6.75
N ASP A 142 7.09 -14.39 7.11
CA ASP A 142 6.32 -14.40 8.36
C ASP A 142 7.24 -14.83 9.49
N HIS A 143 7.45 -13.92 10.45
CA HIS A 143 8.33 -14.18 11.59
C HIS A 143 7.58 -13.97 12.91
N SER A 144 6.30 -14.33 12.94
CA SER A 144 5.49 -14.08 14.12
C SER A 144 6.01 -14.85 15.33
N ASP A 145 6.33 -16.13 15.14
CA ASP A 145 6.81 -16.95 16.26
C ASP A 145 8.12 -16.39 16.80
N SER A 146 9.08 -16.13 15.92
CA SER A 146 10.38 -15.61 16.36
C SER A 146 10.23 -14.30 17.11
N ILE A 147 9.47 -13.36 16.54
CA ILE A 147 9.31 -12.05 17.16
C ILE A 147 8.73 -12.19 18.57
N ARG A 148 7.75 -13.08 18.74
CA ARG A 148 7.11 -13.21 20.05
C ARG A 148 8.03 -13.89 21.05
N ILE A 149 8.70 -14.97 20.65
CA ILE A 149 9.66 -15.62 21.54
C ILE A 149 10.71 -14.63 22.01
N LEU A 150 11.16 -13.75 21.10
CA LEU A 150 12.13 -12.73 21.47
C LEU A 150 11.58 -11.82 22.57
N GLY A 151 10.33 -11.38 22.43
CA GLY A 151 9.74 -10.54 23.46
C GLY A 151 9.62 -11.23 24.80
N GLU A 152 9.25 -12.52 24.79
CA GLU A 152 9.15 -13.25 26.06
C GLU A 152 10.51 -13.31 26.75
N ASN A 153 11.60 -13.35 25.99
CA ASN A 153 12.93 -13.31 26.58
C ASN A 153 13.20 -11.97 27.23
N ILE A 154 12.80 -10.89 26.57
CA ILE A 154 12.93 -9.55 27.16
C ILE A 154 12.14 -9.46 28.45
N LYS A 155 10.99 -10.13 28.51
CA LYS A 155 10.18 -10.09 29.71
C LYS A 155 10.91 -10.72 30.88
N ILE A 156 11.54 -11.89 30.64
CA ILE A 156 12.40 -12.48 31.65
C ILE A 156 13.49 -11.50 32.05
N LEU A 157 14.08 -10.81 31.06
CA LEU A 157 15.14 -9.85 31.35
C LEU A 157 14.64 -8.77 32.31
N ASP A 158 13.45 -8.23 32.04
CA ASP A 158 12.87 -7.25 32.95
C ASP A 158 12.58 -7.87 34.30
N ARG A 159 12.05 -9.10 34.31
CA ARG A 159 11.77 -9.77 35.58
C ARG A 159 13.02 -9.87 36.42
N SER A 160 14.15 -10.18 35.78
CA SER A 160 15.42 -10.24 36.50
C SER A 160 15.83 -8.86 37.00
N MET A 161 15.58 -7.82 36.20
CA MET A 161 15.87 -6.47 36.64
C MET A 161 15.08 -6.12 37.89
N LYS A 162 13.79 -6.43 37.90
CA LYS A 162 12.98 -6.18 39.09
C LYS A 162 13.53 -6.97 40.27
N THR A 163 13.98 -8.20 40.04
CA THR A 163 14.60 -8.99 41.10
C THR A 163 15.83 -8.29 41.65
N MET A 164 16.72 -7.82 40.77
CA MET A 164 17.90 -7.10 41.22
C MET A 164 17.50 -5.88 42.03
N MET A 165 16.50 -5.13 41.57
CA MET A 165 16.08 -3.94 42.29
C MET A 165 15.68 -4.28 43.72
N GLU A 166 14.89 -5.34 43.90
CA GLU A 166 14.48 -5.71 45.26
C GLU A 166 15.68 -6.13 46.09
N THR A 167 16.62 -6.87 45.49
CA THR A 167 17.80 -7.30 46.23
C THR A 167 18.53 -6.11 46.82
N MET A 168 18.75 -5.07 46.01
CA MET A 168 19.42 -3.87 46.48
C MET A 168 18.65 -3.25 47.64
N ALA B 99 -20.30 -24.04 -50.77
CA ALA B 99 -21.71 -23.94 -50.40
C ALA B 99 -21.86 -24.10 -48.88
N GLU B 100 -22.81 -24.94 -48.46
CA GLU B 100 -23.04 -25.14 -47.03
C GLU B 100 -21.84 -25.73 -46.32
N ASN B 101 -20.82 -26.19 -47.05
CA ASN B 101 -19.54 -26.49 -46.41
C ASN B 101 -19.06 -25.32 -45.58
N SER B 102 -19.53 -24.11 -45.88
CA SER B 102 -19.19 -22.94 -45.07
C SER B 102 -19.89 -23.00 -43.71
N MET B 103 -21.11 -23.52 -43.69
CA MET B 103 -21.84 -23.61 -42.43
C MET B 103 -21.14 -24.56 -41.46
N ILE B 104 -20.77 -25.75 -41.93
CA ILE B 104 -20.03 -26.68 -41.10
C ILE B 104 -18.71 -26.03 -40.67
N GLU B 105 -18.07 -25.33 -41.60
CA GLU B 105 -16.83 -24.62 -41.25
C GLU B 105 -17.07 -23.58 -40.18
N ALA B 106 -18.18 -22.83 -40.29
CA ALA B 106 -18.51 -21.86 -39.27
C ALA B 106 -18.75 -22.53 -37.92
N GLU B 107 -19.44 -23.68 -37.92
CA GLU B 107 -19.69 -24.39 -36.67
C GLU B 107 -18.38 -24.78 -36.00
N GLU B 108 -17.42 -25.27 -36.78
CA GLU B 108 -16.12 -25.62 -36.21
C GLU B 108 -15.42 -24.39 -35.64
N VAL B 109 -15.42 -23.29 -36.40
CA VAL B 109 -14.78 -22.06 -35.94
C VAL B 109 -15.40 -21.60 -34.62
N ARG B 110 -16.74 -21.71 -34.51
CA ARG B 110 -17.39 -21.35 -33.26
C ARG B 110 -16.89 -22.21 -32.11
N GLY B 111 -16.77 -23.52 -32.33
CA GLY B 111 -16.30 -24.39 -31.27
C GLY B 111 -14.91 -24.02 -30.79
N THR B 112 -13.97 -23.88 -31.71
CA THR B 112 -12.60 -23.55 -31.33
C THR B 112 -12.55 -22.22 -30.60
N LEU B 113 -13.23 -21.20 -31.13
CA LEU B 113 -13.22 -19.90 -30.47
C LEU B 113 -13.83 -19.99 -29.08
N GLY B 114 -14.87 -20.80 -28.92
CA GLY B 114 -15.45 -21.00 -27.60
C GLY B 114 -14.47 -21.64 -26.63
N ASP B 115 -13.73 -22.63 -27.11
CA ASP B 115 -12.68 -23.22 -26.28
C ASP B 115 -11.65 -22.16 -25.87
N ILE B 116 -11.32 -21.25 -26.79
CA ILE B 116 -10.37 -20.19 -26.47
C ILE B 116 -10.92 -19.34 -25.31
N SER B 117 -12.13 -18.82 -25.47
CA SER B 117 -12.71 -17.97 -24.44
C SER B 117 -12.75 -18.69 -23.09
N ALA B 118 -13.04 -19.98 -23.10
CA ALA B 118 -13.08 -20.73 -21.85
C ALA B 118 -11.71 -20.74 -21.19
N ARG B 119 -10.66 -21.02 -21.97
CA ARG B 119 -9.32 -21.04 -21.40
C ARG B 119 -8.92 -19.67 -20.87
N ILE B 120 -9.31 -18.60 -21.57
CA ILE B 120 -9.01 -17.25 -21.08
C ILE B 120 -9.64 -17.02 -19.72
N GLU B 121 -10.94 -17.32 -19.62
CA GLU B 121 -11.64 -17.09 -18.35
C GLU B 121 -11.08 -17.98 -17.25
N ALA B 122 -10.81 -19.24 -17.56
CA ALA B 122 -10.24 -20.15 -16.57
C ALA B 122 -8.90 -19.64 -16.07
N GLY B 123 -7.99 -19.29 -16.98
CA GLY B 123 -6.68 -18.82 -16.56
C GLY B 123 -6.77 -17.59 -15.68
N PHE B 124 -7.51 -16.58 -16.12
CA PHE B 124 -7.63 -15.36 -15.34
C PHE B 124 -8.29 -15.65 -14.00
N GLU B 125 -9.33 -16.49 -13.99
CA GLU B 125 -10.00 -16.83 -12.73
C GLU B 125 -9.04 -17.51 -11.76
N SER B 126 -8.21 -18.43 -12.26
CA SER B 126 -7.27 -19.13 -11.40
C SER B 126 -6.18 -18.19 -10.90
N LEU B 127 -5.56 -17.44 -11.81
CA LEU B 127 -4.48 -16.54 -11.41
C LEU B 127 -4.95 -15.55 -10.37
N SER B 128 -6.15 -14.98 -10.56
CA SER B 128 -6.66 -14.00 -9.62
C SER B 128 -6.86 -14.60 -8.24
N ALA B 129 -7.37 -15.83 -8.18
CA ALA B 129 -7.57 -16.47 -6.88
C ALA B 129 -6.25 -16.64 -6.15
N LEU B 130 -5.18 -16.98 -6.89
CA LEU B 130 -3.87 -17.11 -6.26
C LEU B 130 -3.26 -15.76 -5.95
N GLN B 131 -3.69 -14.70 -6.64
CA GLN B 131 -3.22 -13.36 -6.31
C GLN B 131 -3.82 -12.88 -4.99
N VAL B 132 -5.10 -13.19 -4.76
CA VAL B 132 -5.72 -12.85 -3.48
C VAL B 132 -5.06 -13.64 -2.36
N GLU B 133 -4.65 -14.88 -2.63
CA GLU B 133 -3.91 -15.64 -1.64
C GLU B 133 -2.54 -15.03 -1.38
N THR B 134 -1.92 -14.44 -2.40
CA THR B 134 -0.61 -13.83 -2.22
C THR B 134 -0.67 -12.60 -1.32
N ILE B 135 -1.58 -11.68 -1.62
CA ILE B 135 -1.68 -10.44 -0.83
C ILE B 135 -2.05 -10.76 0.61
N GLN B 136 -2.92 -11.75 0.80
CA GLN B 136 -3.34 -12.12 2.15
C GLN B 136 -2.17 -12.69 2.95
N THR B 137 -1.36 -13.55 2.32
CA THR B 137 -0.18 -14.09 3.02
C THR B 137 0.81 -12.98 3.33
N ALA B 138 1.02 -12.05 2.39
CA ALA B 138 1.92 -10.92 2.65
C ALA B 138 1.46 -10.13 3.86
N GLN B 139 0.15 -9.87 3.95
CA GLN B 139 -0.38 -9.13 5.09
C GLN B 139 0.08 -9.76 6.40
N ARG B 140 0.17 -11.09 6.44
CA ARG B 140 0.64 -11.77 7.64
C ARG B 140 2.07 -11.38 7.97
N CYS B 141 2.89 -11.14 6.93
CA CYS B 141 4.31 -10.85 7.14
C CYS B 141 4.54 -9.48 7.73
N ASP B 142 3.49 -8.69 7.93
CA ASP B 142 3.61 -7.38 8.56
C ASP B 142 3.57 -7.56 10.07
N HIS B 143 4.67 -7.20 10.73
CA HIS B 143 4.82 -7.30 12.18
C HIS B 143 5.23 -5.96 12.77
N SER B 144 4.70 -4.87 12.19
CA SER B 144 5.11 -3.55 12.62
C SER B 144 4.75 -3.32 14.09
N ASP B 145 3.53 -3.69 14.47
CA ASP B 145 3.11 -3.51 15.86
C ASP B 145 4.00 -4.32 16.80
N SER B 146 4.22 -5.59 16.48
CA SER B 146 5.02 -6.44 17.35
C SER B 146 6.42 -5.87 17.54
N ILE B 147 7.07 -5.50 16.45
CA ILE B 147 8.42 -4.95 16.55
C ILE B 147 8.43 -3.71 17.43
N ARG B 148 7.39 -2.88 17.31
CA ARG B 148 7.37 -1.61 18.03
C ARG B 148 7.18 -1.85 19.53
N ILE B 149 6.22 -2.69 19.91
CA ILE B 149 6.07 -3.03 21.32
C ILE B 149 7.38 -3.58 21.87
N LEU B 150 8.11 -4.36 21.07
CA LEU B 150 9.40 -4.88 21.50
C LEU B 150 10.35 -3.75 21.87
N GLY B 151 10.47 -2.76 20.99
CA GLY B 151 11.36 -1.65 21.27
C GLY B 151 10.93 -0.86 22.49
N GLU B 152 9.63 -0.63 22.63
CA GLU B 152 9.14 0.07 23.81
C GLU B 152 9.48 -0.69 25.09
N ASN B 153 9.50 -2.01 25.01
CA ASN B 153 9.92 -2.81 26.17
C ASN B 153 11.40 -2.64 26.44
N ILE B 154 12.23 -2.63 25.39
CA ILE B 154 13.66 -2.39 25.58
C ILE B 154 13.89 -1.04 26.22
N LYS B 155 13.09 -0.04 25.83
CA LYS B 155 13.26 1.29 26.39
C LYS B 155 12.89 1.32 27.87
N ILE B 156 11.77 0.69 28.24
CA ILE B 156 11.44 0.57 29.65
C ILE B 156 12.58 -0.10 30.40
N LEU B 157 13.11 -1.18 29.83
CA LEU B 157 14.21 -1.90 30.46
C LEU B 157 15.42 -0.99 30.64
N ASP B 158 15.73 -0.19 29.61
CA ASP B 158 16.83 0.76 29.74
C ASP B 158 16.57 1.76 30.85
N ARG B 159 15.33 2.27 30.95
CA ARG B 159 15.00 3.18 32.04
C ARG B 159 15.24 2.52 33.38
N SER B 160 14.92 1.22 33.49
CA SER B 160 15.17 0.50 34.73
C SER B 160 16.67 0.40 35.01
N MET B 161 17.48 0.25 33.97
CA MET B 161 18.93 0.25 34.17
C MET B 161 19.40 1.56 34.78
N LYS B 162 18.89 2.69 34.28
CA LYS B 162 19.25 3.98 34.85
C LYS B 162 18.87 4.07 36.32
N THR B 163 17.71 3.53 36.68
CA THR B 163 17.30 3.53 38.08
C THR B 163 18.30 2.78 38.94
N MET B 164 18.67 1.56 38.53
CA MET B 164 19.66 0.81 39.30
C MET B 164 20.97 1.58 39.39
N MET B 165 21.41 2.17 38.29
CA MET B 165 22.65 2.95 38.32
C MET B 165 22.58 4.03 39.38
N GLU B 166 21.45 4.75 39.45
CA GLU B 166 21.30 5.77 40.48
C GLU B 166 21.30 5.13 41.86
N THR B 167 20.61 4.00 42.00
CA THR B 167 20.61 3.28 43.28
C THR B 167 22.02 2.90 43.69
N MET B 168 22.80 2.34 42.76
CA MET B 168 24.16 1.93 43.08
C MET B 168 24.97 3.09 43.61
N LYS B 169 25.05 4.19 42.84
CA LYS B 169 25.76 5.36 43.31
C LYS B 169 25.22 5.83 44.65
N LEU B 170 23.91 5.72 44.85
CA LEU B 170 23.33 6.07 46.14
C LEU B 170 23.95 5.24 47.26
N MET B 171 24.02 3.92 47.06
CA MET B 171 24.68 3.07 48.04
C MET B 171 26.16 3.42 48.17
N MET B 172 26.77 3.91 47.09
CA MET B 172 28.16 4.36 47.18
C MET B 172 28.31 5.52 48.14
N GLU B 173 27.49 6.56 47.97
CA GLU B 173 27.55 7.71 48.87
C GLU B 173 27.40 7.28 50.32
N LYS B 174 26.70 6.19 50.57
CA LYS B 174 26.59 5.64 51.92
C LYS B 174 27.85 4.86 52.28
N LEU C 98 -26.02 -16.92 -51.18
CA LEU C 98 -25.27 -17.20 -49.95
C LEU C 98 -24.17 -16.17 -49.74
N ALA C 99 -24.11 -15.16 -50.62
CA ALA C 99 -23.17 -14.07 -50.42
C ALA C 99 -23.45 -13.35 -49.10
N GLU C 100 -24.72 -13.14 -48.79
CA GLU C 100 -25.07 -12.57 -47.49
C GLU C 100 -24.67 -13.52 -46.36
N ASN C 101 -24.91 -14.81 -46.54
CA ASN C 101 -24.49 -15.79 -45.55
C ASN C 101 -23.04 -15.55 -45.15
N SER C 102 -22.15 -15.48 -46.13
CA SER C 102 -20.74 -15.21 -45.84
C SER C 102 -20.59 -13.95 -44.99
N MET C 103 -21.42 -12.93 -45.26
CA MET C 103 -21.31 -11.68 -44.51
C MET C 103 -21.75 -11.85 -43.07
N ILE C 104 -22.88 -12.53 -42.84
CA ILE C 104 -23.33 -12.75 -41.48
C ILE C 104 -22.31 -13.58 -40.72
N GLU C 105 -21.80 -14.65 -41.34
CA GLU C 105 -20.77 -15.44 -40.69
C GLU C 105 -19.54 -14.59 -40.40
N ALA C 106 -19.24 -13.61 -41.25
CA ALA C 106 -18.13 -12.71 -40.99
C ALA C 106 -18.42 -11.81 -39.79
N GLU C 107 -19.61 -11.22 -39.75
CA GLU C 107 -19.95 -10.33 -38.65
C GLU C 107 -19.97 -11.08 -37.33
N GLU C 108 -20.51 -12.31 -37.32
CA GLU C 108 -20.49 -13.10 -36.10
C GLU C 108 -19.07 -13.38 -35.66
N VAL C 109 -18.19 -13.72 -36.61
CA VAL C 109 -16.79 -13.96 -36.27
C VAL C 109 -16.17 -12.72 -35.65
N ARG C 110 -16.45 -11.54 -36.24
CA ARG C 110 -15.88 -10.31 -35.72
C ARG C 110 -16.36 -10.04 -34.30
N GLY C 111 -17.68 -10.11 -34.08
CA GLY C 111 -18.21 -9.87 -32.76
C GLY C 111 -17.55 -10.72 -31.70
N THR C 112 -17.52 -12.03 -31.92
CA THR C 112 -16.90 -12.93 -30.96
C THR C 112 -15.44 -12.55 -30.71
N LEU C 113 -14.65 -12.48 -31.77
CA LEU C 113 -13.26 -12.06 -31.62
C LEU C 113 -13.17 -10.78 -30.81
N GLY C 114 -14.09 -9.84 -31.07
CA GLY C 114 -14.09 -8.61 -30.30
C GLY C 114 -14.33 -8.85 -28.83
N ASP C 115 -15.30 -9.71 -28.50
CA ASP C 115 -15.56 -10.02 -27.10
C ASP C 115 -14.36 -10.71 -26.48
N ILE C 116 -13.68 -11.58 -27.24
CA ILE C 116 -12.48 -12.23 -26.75
C ILE C 116 -11.44 -11.17 -26.37
N SER C 117 -11.20 -10.22 -27.27
CA SER C 117 -10.27 -9.14 -26.97
C SER C 117 -10.71 -8.36 -25.74
N ALA C 118 -12.02 -8.25 -25.52
CA ALA C 118 -12.51 -7.55 -24.33
C ALA C 118 -12.20 -8.35 -23.07
N ARG C 119 -12.42 -9.66 -23.10
CA ARG C 119 -12.12 -10.49 -21.93
C ARG C 119 -10.63 -10.47 -21.62
N ILE C 120 -9.80 -10.47 -22.67
CA ILE C 120 -8.35 -10.46 -22.46
C ILE C 120 -7.92 -9.15 -21.80
N GLU C 121 -8.52 -8.03 -22.23
CA GLU C 121 -8.16 -6.74 -21.64
C GLU C 121 -8.72 -6.61 -20.24
N ALA C 122 -9.93 -7.11 -20.01
CA ALA C 122 -10.52 -7.09 -18.67
C ALA C 122 -9.63 -7.81 -17.68
N GLY C 123 -9.11 -8.98 -18.06
CA GLY C 123 -8.23 -9.74 -17.20
C GLY C 123 -6.91 -9.04 -16.94
N PHE C 124 -6.14 -8.80 -18.01
CA PHE C 124 -4.77 -8.32 -17.84
C PHE C 124 -4.68 -7.13 -16.89
N GLU C 125 -5.61 -6.17 -17.00
CA GLU C 125 -5.58 -5.04 -16.08
C GLU C 125 -6.08 -5.42 -14.70
N SER C 126 -7.01 -6.37 -14.61
CA SER C 126 -7.46 -6.83 -13.30
C SER C 126 -6.31 -7.47 -12.53
N LEU C 127 -5.55 -8.36 -13.19
CA LEU C 127 -4.43 -9.01 -12.52
C LEU C 127 -3.30 -8.01 -12.26
N SER C 128 -3.05 -7.10 -13.20
CA SER C 128 -1.98 -6.12 -13.00
C SER C 128 -2.29 -5.22 -11.81
N ALA C 129 -3.54 -4.77 -11.68
CA ALA C 129 -3.92 -3.93 -10.55
C ALA C 129 -3.70 -4.67 -9.24
N LEU C 130 -4.27 -5.86 -9.13
CA LEU C 130 -4.07 -6.66 -7.91
C LEU C 130 -2.59 -6.91 -7.67
N GLN C 131 -1.81 -7.10 -8.74
CA GLN C 131 -0.38 -7.27 -8.58
C GLN C 131 0.26 -6.01 -8.01
N VAL C 132 -0.23 -4.84 -8.39
CA VAL C 132 0.29 -3.59 -7.83
C VAL C 132 -0.04 -3.49 -6.36
N GLU C 133 -1.23 -3.93 -5.96
CA GLU C 133 -1.57 -3.97 -4.55
C GLU C 133 -0.77 -5.05 -3.83
N THR C 134 -0.35 -6.10 -4.54
CA THR C 134 0.48 -7.13 -3.93
C THR C 134 1.86 -6.60 -3.59
N ILE C 135 2.54 -6.02 -4.57
CA ILE C 135 3.88 -5.48 -4.32
C ILE C 135 3.84 -4.44 -3.21
N GLN C 136 2.76 -3.65 -3.16
CA GLN C 136 2.66 -2.62 -2.13
C GLN C 136 2.56 -3.25 -0.74
N THR C 137 1.64 -4.21 -0.57
CA THR C 137 1.55 -4.90 0.71
C THR C 137 2.87 -5.55 1.08
N ALA C 138 3.64 -5.99 0.09
CA ALA C 138 4.96 -6.55 0.37
C ALA C 138 5.87 -5.50 1.00
N GLN C 139 5.96 -4.32 0.37
CA GLN C 139 6.78 -3.25 0.93
C GLN C 139 6.48 -3.03 2.40
N ARG C 140 5.21 -3.14 2.79
CA ARG C 140 4.84 -2.95 4.19
C ARG C 140 5.56 -3.97 5.07
N CYS C 141 5.66 -5.21 4.62
CA CYS C 141 6.28 -6.26 5.43
C CYS C 141 7.79 -6.10 5.54
N ASP C 142 8.37 -5.03 5.00
CA ASP C 142 9.81 -4.81 5.08
C ASP C 142 10.09 -3.96 6.31
N HIS C 143 10.45 -4.62 7.42
CA HIS C 143 10.79 -3.96 8.68
C HIS C 143 12.28 -3.99 8.95
N SER C 144 13.10 -3.77 7.91
CA SER C 144 14.54 -3.84 8.07
C SER C 144 15.05 -2.76 9.02
N ASP C 145 14.70 -1.50 8.74
CA ASP C 145 15.22 -0.40 9.53
C ASP C 145 14.85 -0.55 11.00
N SER C 146 13.58 -0.85 11.27
CA SER C 146 13.13 -0.97 12.66
C SER C 146 13.95 -2.01 13.41
N ILE C 147 14.26 -3.14 12.77
CA ILE C 147 14.99 -4.20 13.44
C ILE C 147 16.41 -3.75 13.76
N ARG C 148 17.09 -3.17 12.77
CA ARG C 148 18.45 -2.70 12.98
C ARG C 148 18.51 -1.68 14.12
N ILE C 149 17.58 -0.73 14.13
CA ILE C 149 17.50 0.21 15.25
C ILE C 149 17.30 -0.55 16.55
N LEU C 150 16.40 -1.53 16.55
CA LEU C 150 16.11 -2.29 17.76
C LEU C 150 17.37 -2.96 18.30
N GLY C 151 18.22 -3.47 17.42
CA GLY C 151 19.45 -4.09 17.88
C GLY C 151 20.42 -3.10 18.47
N GLU C 152 20.52 -1.91 17.86
CA GLU C 152 21.45 -0.91 18.38
C GLU C 152 21.04 -0.43 19.76
N ASN C 153 19.74 -0.42 20.06
CA ASN C 153 19.30 -0.08 21.42
C ASN C 153 19.65 -1.21 22.39
N ILE C 154 19.48 -2.46 21.97
CA ILE C 154 19.91 -3.59 22.79
C ILE C 154 21.40 -3.52 23.06
N LYS C 155 22.17 -2.97 22.12
CA LYS C 155 23.61 -2.86 22.30
C LYS C 155 23.96 -1.77 23.31
N ILE C 156 23.31 -0.62 23.20
CA ILE C 156 23.46 0.41 24.23
C ILE C 156 23.19 -0.19 25.60
N LEU C 157 22.10 -0.96 25.70
CA LEU C 157 21.78 -1.70 26.91
C LEU C 157 23.00 -2.47 27.42
N ASP C 158 23.57 -3.32 26.57
CA ASP C 158 24.72 -4.12 26.98
C ASP C 158 25.85 -3.21 27.47
N ARG C 159 26.16 -2.15 26.72
CA ARG C 159 27.21 -1.25 27.15
C ARG C 159 26.87 -0.56 28.48
N SER C 160 25.59 -0.48 28.81
CA SER C 160 25.20 0.06 30.11
C SER C 160 25.35 -0.96 31.23
N MET C 161 25.28 -2.25 30.91
CA MET C 161 25.52 -3.26 31.93
C MET C 161 27.01 -3.40 32.22
N LYS C 162 27.84 -3.28 31.20
CA LYS C 162 29.28 -3.13 31.41
C LYS C 162 29.55 -2.03 32.41
N THR C 163 28.95 -0.85 32.20
CA THR C 163 29.08 0.25 33.14
C THR C 163 28.65 -0.16 34.54
N MET C 164 27.45 -0.75 34.65
CA MET C 164 26.94 -1.17 35.96
C MET C 164 27.91 -2.11 36.64
N MET C 165 28.54 -3.01 35.88
CA MET C 165 29.49 -3.94 36.46
C MET C 165 30.71 -3.20 37.00
N GLU C 166 31.28 -2.31 36.20
CA GLU C 166 32.41 -1.50 36.66
C GLU C 166 32.09 -0.87 38.01
N THR C 167 30.95 -0.18 38.09
CA THR C 167 30.55 0.40 39.37
C THR C 167 30.36 -0.68 40.43
N MET C 168 29.75 -1.81 40.05
CA MET C 168 29.55 -2.90 41.01
C MET C 168 30.88 -3.33 41.61
N LYS C 169 31.86 -3.68 40.76
CA LYS C 169 33.14 -4.16 41.26
C LYS C 169 33.91 -3.07 42.00
N LEU C 170 33.60 -1.79 41.77
CA LEU C 170 34.22 -0.73 42.54
C LEU C 170 33.72 -0.74 43.98
N MET C 171 32.40 -0.87 44.17
CA MET C 171 31.87 -1.10 45.50
C MET C 171 32.50 -2.33 46.13
N MET C 172 32.68 -3.38 45.33
CA MET C 172 33.30 -4.61 45.84
C MET C 172 34.69 -4.32 46.39
N GLU C 173 35.53 -3.63 45.62
CA GLU C 173 36.87 -3.30 46.09
C GLU C 173 36.82 -2.56 47.42
N LYS C 174 36.04 -1.47 47.48
CA LYS C 174 35.97 -0.67 48.69
C LYS C 174 35.59 -1.51 49.90
N VAL C 175 34.47 -2.24 49.81
CA VAL C 175 34.05 -3.09 50.92
C VAL C 175 35.08 -4.18 51.20
N ASP C 176 35.91 -4.52 50.21
CA ASP C 176 37.00 -5.47 50.44
C ASP C 176 38.14 -4.83 51.22
N LEU C 177 38.51 -3.59 50.85
CA LEU C 177 39.53 -2.86 51.58
C LEU C 177 39.05 -2.43 52.96
N LEU C 178 37.81 -2.75 53.32
CA LEU C 178 37.26 -2.55 54.66
C LEU C 178 38.32 -2.53 55.77
N ALA D 99 -15.92 -14.67 -54.59
CA ALA D 99 -14.59 -15.25 -54.42
C ALA D 99 -13.68 -14.25 -53.70
N GLU D 100 -13.51 -13.07 -54.30
CA GLU D 100 -12.63 -12.07 -53.71
C GLU D 100 -13.09 -11.68 -52.31
N ASN D 101 -14.37 -11.38 -52.15
CA ASN D 101 -14.88 -10.97 -50.84
C ASN D 101 -14.52 -11.98 -49.76
N SER D 102 -14.27 -13.23 -50.13
CA SER D 102 -13.82 -14.22 -49.15
C SER D 102 -12.38 -13.98 -48.74
N MET D 103 -11.54 -13.56 -49.69
CA MET D 103 -10.13 -13.34 -49.39
C MET D 103 -9.96 -12.17 -48.42
N ILE D 104 -10.60 -11.03 -48.70
CA ILE D 104 -10.50 -9.90 -47.79
C ILE D 104 -11.02 -10.29 -46.41
N GLU D 105 -12.11 -11.08 -46.37
CA GLU D 105 -12.61 -11.55 -45.08
C GLU D 105 -11.54 -12.38 -44.37
N ALA D 106 -10.90 -13.28 -45.09
CA ALA D 106 -9.79 -14.05 -44.50
C ALA D 106 -8.65 -13.13 -44.10
N GLU D 107 -8.33 -12.15 -44.97
CA GLU D 107 -7.23 -11.23 -44.68
C GLU D 107 -7.49 -10.45 -43.39
N GLU D 108 -8.73 -10.02 -43.18
CA GLU D 108 -9.06 -9.33 -41.93
C GLU D 108 -8.81 -10.23 -40.73
N VAL D 109 -9.22 -11.49 -40.83
CA VAL D 109 -9.01 -12.42 -39.72
C VAL D 109 -7.54 -12.48 -39.35
N ARG D 110 -6.67 -12.50 -40.36
CA ARG D 110 -5.23 -12.49 -40.08
C ARG D 110 -4.84 -11.22 -39.33
N GLY D 111 -5.32 -10.06 -39.81
CA GLY D 111 -4.99 -8.81 -39.14
C GLY D 111 -5.50 -8.75 -37.71
N THR D 112 -6.78 -9.04 -37.52
CA THR D 112 -7.37 -8.97 -36.17
C THR D 112 -6.70 -9.97 -35.24
N LEU D 113 -6.53 -11.21 -35.69
CA LEU D 113 -5.89 -12.21 -34.84
C LEU D 113 -4.47 -11.78 -34.46
N GLY D 114 -3.77 -11.12 -35.39
CA GLY D 114 -2.46 -10.60 -35.05
C GLY D 114 -2.53 -9.58 -33.94
N ASP D 115 -3.53 -8.69 -33.99
CA ASP D 115 -3.75 -7.78 -32.88
C ASP D 115 -4.03 -8.54 -31.60
N ILE D 116 -4.78 -9.64 -31.69
CA ILE D 116 -5.05 -10.47 -30.52
C ILE D 116 -3.74 -11.00 -29.93
N SER D 117 -2.92 -11.64 -30.76
CA SER D 117 -1.66 -12.18 -30.28
C SER D 117 -0.79 -11.10 -29.64
N ALA D 118 -0.77 -9.91 -30.23
CA ALA D 118 0.03 -8.82 -29.69
C ALA D 118 -0.46 -8.43 -28.29
N ARG D 119 -1.78 -8.27 -28.14
CA ARG D 119 -2.32 -7.91 -26.83
C ARG D 119 -2.03 -9.00 -25.81
N ILE D 120 -2.12 -10.27 -26.23
CA ILE D 120 -1.80 -11.36 -25.33
C ILE D 120 -0.35 -11.28 -24.89
N GLU D 121 0.56 -11.12 -25.85
CA GLU D 121 1.99 -11.08 -25.53
C GLU D 121 2.32 -9.88 -24.66
N ALA D 122 1.73 -8.72 -24.96
CA ALA D 122 1.98 -7.53 -24.14
C ALA D 122 1.55 -7.76 -22.70
N GLY D 123 0.31 -8.24 -22.50
CA GLY D 123 -0.17 -8.46 -21.16
C GLY D 123 0.67 -9.45 -20.38
N PHE D 124 0.91 -10.62 -20.95
CA PHE D 124 1.67 -11.64 -20.24
C PHE D 124 3.08 -11.14 -19.93
N GLU D 125 3.74 -10.49 -20.90
CA GLU D 125 5.07 -9.97 -20.66
C GLU D 125 5.06 -8.95 -19.53
N SER D 126 4.06 -8.08 -19.52
CA SER D 126 3.98 -7.05 -18.49
C SER D 126 3.70 -7.65 -17.12
N LEU D 127 2.69 -8.52 -17.02
CA LEU D 127 2.34 -9.08 -15.71
C LEU D 127 3.52 -9.84 -15.10
N SER D 128 4.23 -10.62 -15.92
CA SER D 128 5.35 -11.39 -15.40
C SER D 128 6.46 -10.48 -14.89
N ALA D 129 6.75 -9.41 -15.63
CA ALA D 129 7.80 -8.48 -15.19
C ALA D 129 7.43 -7.85 -13.85
N LEU D 130 6.15 -7.52 -13.66
CA LEU D 130 5.72 -6.99 -12.37
C LEU D 130 5.64 -8.07 -11.31
N GLN D 131 5.49 -9.34 -11.72
CA GLN D 131 5.52 -10.44 -10.77
C GLN D 131 6.93 -10.70 -10.26
N VAL D 132 7.93 -10.60 -11.14
CA VAL D 132 9.32 -10.74 -10.70
C VAL D 132 9.68 -9.59 -9.78
N GLU D 133 9.12 -8.41 -10.02
CA GLU D 133 9.29 -7.32 -9.06
C GLU D 133 8.65 -7.66 -7.72
N THR D 134 7.55 -8.42 -7.75
CA THR D 134 6.89 -8.81 -6.51
C THR D 134 7.76 -9.76 -5.69
N ILE D 135 8.27 -10.82 -6.33
CA ILE D 135 9.06 -11.81 -5.59
C ILE D 135 10.33 -11.17 -5.04
N GLN D 136 10.94 -10.28 -5.81
CA GLN D 136 12.14 -9.63 -5.32
C GLN D 136 11.83 -8.75 -4.11
N THR D 137 10.72 -8.02 -4.16
CA THR D 137 10.32 -7.22 -3.02
C THR D 137 10.00 -8.10 -1.82
N ALA D 138 9.36 -9.24 -2.05
CA ALA D 138 9.09 -10.17 -0.95
C ALA D 138 10.38 -10.61 -0.29
N GLN D 139 11.40 -10.92 -1.08
CA GLN D 139 12.69 -11.29 -0.53
C GLN D 139 13.21 -10.25 0.45
N ARG D 140 12.93 -8.96 0.18
CA ARG D 140 13.36 -7.91 1.09
C ARG D 140 12.77 -8.09 2.49
N CYS D 141 11.52 -8.58 2.57
CA CYS D 141 10.81 -8.67 3.84
C CYS D 141 11.29 -9.78 4.74
N ASP D 142 12.25 -10.60 4.33
CA ASP D 142 12.76 -11.66 5.19
C ASP D 142 13.83 -11.09 6.10
N HIS D 143 13.59 -11.14 7.42
CA HIS D 143 14.50 -10.61 8.42
C HIS D 143 14.88 -11.66 9.45
N SER D 144 14.97 -12.92 9.02
CA SER D 144 15.25 -14.00 9.96
C SER D 144 16.65 -13.86 10.57
N ASP D 145 17.65 -13.59 9.73
CA ASP D 145 19.01 -13.47 10.24
C ASP D 145 19.12 -12.33 11.24
N SER D 146 18.60 -11.16 10.87
CA SER D 146 18.64 -10.01 11.78
C SER D 146 17.91 -10.34 13.07
N ILE D 147 16.71 -10.91 12.95
CA ILE D 147 15.93 -11.28 14.13
C ILE D 147 16.74 -12.22 15.02
N ARG D 148 17.47 -13.14 14.40
CA ARG D 148 18.19 -14.16 15.16
C ARG D 148 19.37 -13.56 15.91
N ILE D 149 20.18 -12.77 15.22
CA ILE D 149 21.26 -12.06 15.90
C ILE D 149 20.70 -11.19 17.02
N LEU D 150 19.54 -10.58 16.75
CA LEU D 150 18.89 -9.75 17.77
C LEU D 150 18.59 -10.55 19.02
N GLY D 151 18.00 -11.74 18.86
CA GLY D 151 17.69 -12.56 20.02
C GLY D 151 18.94 -13.03 20.76
N GLU D 152 19.98 -13.41 20.02
CA GLU D 152 21.20 -13.88 20.66
C GLU D 152 21.84 -12.78 21.51
N ASN D 153 21.73 -11.52 21.10
CA ASN D 153 22.27 -10.44 21.91
C ASN D 153 21.48 -10.27 23.20
N ILE D 154 20.16 -10.36 23.12
CA ILE D 154 19.34 -10.28 24.34
C ILE D 154 19.69 -11.42 25.28
N LYS D 155 20.00 -12.61 24.74
CA LYS D 155 20.38 -13.73 25.58
C LYS D 155 21.69 -13.45 26.29
N ILE D 156 22.67 -12.92 25.55
CA ILE D 156 23.91 -12.47 26.20
C ILE D 156 23.58 -11.45 27.26
N LEU D 157 22.65 -10.54 26.97
CA LEU D 157 22.26 -9.53 27.95
C LEU D 157 21.77 -10.19 29.24
N ASP D 158 20.91 -11.20 29.10
CA ASP D 158 20.44 -11.95 30.26
C ASP D 158 21.58 -12.65 30.97
N ARG D 159 22.47 -13.29 30.20
CA ARG D 159 23.61 -13.97 30.81
C ARG D 159 24.45 -13.01 31.63
N SER D 160 24.66 -11.80 31.12
CA SER D 160 25.41 -10.80 31.88
C SER D 160 24.65 -10.37 33.13
N MET D 161 23.32 -10.30 33.06
CA MET D 161 22.54 -10.00 34.25
C MET D 161 22.79 -11.03 35.34
N LYS D 162 22.83 -12.31 34.96
CA LYS D 162 23.14 -13.36 35.94
C LYS D 162 24.51 -13.14 36.56
N THR D 163 25.49 -12.71 35.75
CA THR D 163 26.79 -12.40 36.32
C THR D 163 26.66 -11.32 37.39
N MET D 164 25.91 -10.26 37.09
CA MET D 164 25.67 -9.21 38.07
C MET D 164 25.04 -9.77 39.34
N MET D 165 24.05 -10.66 39.20
CA MET D 165 23.44 -11.25 40.39
C MET D 165 24.49 -11.92 41.25
N GLU D 166 25.40 -12.68 40.64
CA GLU D 166 26.44 -13.34 41.41
C GLU D 166 27.36 -12.32 42.07
N THR D 167 27.76 -11.29 41.32
CA THR D 167 28.59 -10.24 41.89
C THR D 167 27.88 -9.53 43.04
N MET D 168 26.61 -9.18 42.84
CA MET D 168 25.86 -8.47 43.87
C MET D 168 25.83 -9.26 45.17
N LYS D 169 25.62 -10.57 45.09
CA LYS D 169 25.63 -11.37 46.31
C LYS D 169 26.97 -11.30 47.02
N LEU D 170 28.07 -11.26 46.25
CA LEU D 170 29.40 -11.20 46.84
C LEU D 170 29.49 -10.04 47.83
N MET D 171 28.99 -8.87 47.45
CA MET D 171 28.99 -7.73 48.35
C MET D 171 28.13 -8.00 49.58
N MET D 172 27.09 -8.81 49.44
CA MET D 172 26.25 -9.12 50.59
C MET D 172 26.97 -10.04 51.57
N GLU D 173 27.71 -11.04 51.06
CA GLU D 173 28.51 -11.89 51.94
C GLU D 173 29.55 -11.07 52.68
N LYS D 174 30.16 -10.09 52.02
CA LYS D 174 31.20 -9.30 52.65
C LYS D 174 30.63 -8.20 53.54
N VAL D 175 29.50 -7.60 53.11
CA VAL D 175 28.82 -6.65 53.99
C VAL D 175 28.31 -7.37 55.23
N ASP D 176 27.97 -8.66 55.10
CA ASP D 176 27.48 -9.43 56.24
C ASP D 176 28.54 -9.66 57.31
N LEU D 177 29.81 -9.35 57.00
CA LEU D 177 30.90 -9.56 57.96
C LEU D 177 30.53 -9.01 59.33
N LEU D 178 30.52 -7.68 59.45
CA LEU D 178 30.14 -6.99 60.69
C LEU D 178 30.51 -7.76 61.94
N LEU E 98 14.01 14.21 51.86
CA LEU E 98 14.18 14.93 50.61
C LEU E 98 14.96 14.09 49.59
N ALA E 99 16.09 13.55 50.03
CA ALA E 99 16.95 12.79 49.13
C ALA E 99 16.19 11.64 48.49
N GLU E 100 15.56 10.80 49.31
CA GLU E 100 14.82 9.65 48.77
C GLU E 100 13.61 10.10 47.97
N ASN E 101 12.88 11.09 48.48
CA ASN E 101 11.73 11.60 47.74
C ASN E 101 12.13 12.26 46.43
N SER E 102 13.38 12.73 46.32
CA SER E 102 13.81 13.33 45.06
C SER E 102 14.05 12.26 43.99
N MET E 103 14.69 11.15 44.37
CA MET E 103 14.94 10.08 43.39
C MET E 103 13.65 9.36 43.00
N ILE E 104 12.82 9.01 43.99
CA ILE E 104 11.57 8.31 43.67
C ILE E 104 10.73 9.14 42.70
N GLU E 105 10.65 10.44 42.94
CA GLU E 105 9.97 11.31 41.98
C GLU E 105 10.71 11.35 40.65
N ALA E 106 12.04 11.40 40.68
CA ALA E 106 12.81 11.43 39.44
C ALA E 106 12.53 10.19 38.59
N GLU E 107 12.49 9.02 39.22
CA GLU E 107 12.17 7.80 38.46
C GLU E 107 10.76 7.89 37.89
N GLU E 108 9.83 8.48 38.64
CA GLU E 108 8.47 8.64 38.15
C GLU E 108 8.46 9.50 36.88
N VAL E 109 9.19 10.61 36.89
CA VAL E 109 9.25 11.46 35.70
C VAL E 109 9.82 10.68 34.53
N ARG E 110 10.82 9.84 34.78
CA ARG E 110 11.40 9.04 33.71
C ARG E 110 10.34 8.13 33.08
N GLY E 111 9.55 7.46 33.93
CA GLY E 111 8.52 6.58 33.40
C GLY E 111 7.49 7.31 32.57
N THR E 112 6.94 8.39 33.12
CA THR E 112 5.88 9.12 32.43
C THR E 112 6.38 9.68 31.11
N LEU E 113 7.55 10.33 31.12
CA LEU E 113 8.07 10.88 29.88
C LEU E 113 8.31 9.79 28.86
N GLY E 114 8.77 8.62 29.31
CA GLY E 114 8.91 7.50 28.41
C GLY E 114 7.58 7.08 27.82
N ASP E 115 6.54 7.03 28.65
CA ASP E 115 5.22 6.74 28.13
C ASP E 115 4.79 7.79 27.12
N ILE E 116 5.10 9.06 27.40
CA ILE E 116 4.77 10.12 26.46
C ILE E 116 5.50 9.88 25.14
N SER E 117 6.82 9.73 25.21
CA SER E 117 7.60 9.49 23.98
C SER E 117 7.09 8.27 23.24
N ALA E 118 6.72 7.21 23.96
CA ALA E 118 6.20 6.02 23.32
C ALA E 118 4.89 6.31 22.59
N ARG E 119 3.98 7.05 23.25
CA ARG E 119 2.71 7.38 22.63
C ARG E 119 2.92 8.19 21.35
N ILE E 120 3.91 9.09 21.36
CA ILE E 120 4.21 9.89 20.18
C ILE E 120 4.61 8.99 19.01
N GLU E 121 5.55 8.08 19.26
CA GLU E 121 6.05 7.23 18.18
C GLU E 121 4.94 6.33 17.63
N ALA E 122 4.09 5.79 18.51
CA ALA E 122 2.99 4.94 18.04
C ALA E 122 2.10 5.71 17.08
N GLY E 123 1.69 6.92 17.47
CA GLY E 123 0.84 7.72 16.60
C GLY E 123 1.50 8.01 15.27
N PHE E 124 2.74 8.50 15.30
CA PHE E 124 3.42 8.87 14.07
C PHE E 124 3.59 7.68 13.14
N GLU E 125 3.98 6.52 13.69
CA GLU E 125 4.16 5.33 12.86
C GLU E 125 2.83 4.90 12.23
N SER E 126 1.74 4.94 13.01
CA SER E 126 0.44 4.55 12.47
C SER E 126 -0.05 5.52 11.41
N LEU E 127 0.01 6.83 11.72
CA LEU E 127 -0.48 7.83 10.77
C LEU E 127 0.26 7.73 9.44
N SER E 128 1.59 7.54 9.49
CA SER E 128 2.36 7.48 8.25
C SER E 128 1.93 6.30 7.39
N ALA E 129 1.67 5.15 8.02
CA ALA E 129 1.23 3.98 7.26
C ALA E 129 -0.08 4.25 6.55
N LEU E 130 -0.98 4.98 7.20
CA LEU E 130 -2.27 5.29 6.59
C LEU E 130 -2.14 6.33 5.47
N GLN E 131 -1.10 7.16 5.50
CA GLN E 131 -0.89 8.08 4.39
C GLN E 131 -0.34 7.37 3.16
N VAL E 132 0.56 6.41 3.35
CA VAL E 132 1.07 5.66 2.21
C VAL E 132 -0.05 4.83 1.60
N GLU E 133 -0.96 4.31 2.44
CA GLU E 133 -2.15 3.66 1.89
C GLU E 133 -3.04 4.65 1.17
N THR E 134 -3.10 5.89 1.65
CA THR E 134 -3.95 6.89 1.00
C THR E 134 -3.40 7.26 -0.37
N ILE E 135 -2.10 7.59 -0.44
CA ILE E 135 -1.52 7.99 -1.72
C ILE E 135 -1.58 6.84 -2.72
N GLN E 136 -1.40 5.61 -2.24
CA GLN E 136 -1.46 4.47 -3.15
C GLN E 136 -2.83 4.35 -3.77
N THR E 137 -3.88 4.53 -2.97
CA THR E 137 -5.23 4.53 -3.52
C THR E 137 -5.42 5.70 -4.49
N ALA E 138 -4.88 6.86 -4.16
CA ALA E 138 -4.97 8.01 -5.06
C ALA E 138 -4.35 7.69 -6.42
N GLN E 139 -3.18 7.06 -6.41
CA GLN E 139 -2.54 6.67 -7.67
C GLN E 139 -3.48 5.84 -8.53
N ARG E 140 -4.28 4.98 -7.89
CA ARG E 140 -5.23 4.17 -8.64
C ARG E 140 -6.25 5.04 -9.36
N CYS E 141 -6.65 6.15 -8.75
CA CYS E 141 -7.68 7.00 -9.32
C CYS E 141 -7.20 7.80 -10.53
N ASP E 142 -5.93 7.67 -10.89
CA ASP E 142 -5.41 8.32 -12.08
C ASP E 142 -5.72 7.44 -13.28
N HIS E 143 -6.52 7.96 -14.21
CA HIS E 143 -6.97 7.23 -15.40
C HIS E 143 -6.60 7.98 -16.67
N SER E 144 -5.41 8.58 -16.69
CA SER E 144 -5.02 9.43 -17.81
C SER E 144 -4.95 8.64 -19.10
N ASP E 145 -4.30 7.48 -19.09
CA ASP E 145 -4.17 6.69 -20.31
C ASP E 145 -5.55 6.23 -20.80
N SER E 146 -6.32 5.61 -19.92
CA SER E 146 -7.62 5.07 -20.32
C SER E 146 -8.54 6.15 -20.86
N ILE E 147 -8.64 7.28 -20.17
CA ILE E 147 -9.57 8.32 -20.57
C ILE E 147 -9.27 8.80 -22.00
N ARG E 148 -8.00 8.98 -22.33
CA ARG E 148 -7.66 9.52 -23.65
C ARG E 148 -7.81 8.48 -24.75
N ILE E 149 -7.35 7.25 -24.51
CA ILE E 149 -7.55 6.19 -25.51
C ILE E 149 -9.02 6.12 -25.88
N LEU E 150 -9.90 6.31 -24.91
CA LEU E 150 -11.33 6.32 -25.20
C LEU E 150 -11.67 7.39 -26.23
N GLY E 151 -11.13 8.59 -26.06
CA GLY E 151 -11.40 9.65 -27.01
C GLY E 151 -10.85 9.36 -28.40
N GLU E 152 -9.64 8.79 -28.47
CA GLU E 152 -9.07 8.46 -29.77
C GLU E 152 -9.93 7.42 -30.49
N ASN E 153 -10.55 6.52 -29.74
CA ASN E 153 -11.46 5.55 -30.35
C ASN E 153 -12.68 6.24 -30.92
N ILE E 154 -13.22 7.22 -30.19
CA ILE E 154 -14.32 8.02 -30.73
C ILE E 154 -13.87 8.75 -31.98
N LYS E 155 -12.60 9.17 -32.03
CA LYS E 155 -12.11 9.88 -33.20
C LYS E 155 -12.11 8.97 -34.42
N ILE E 156 -11.62 7.74 -34.27
CA ILE E 156 -11.74 6.76 -35.35
C ILE E 156 -13.20 6.58 -35.73
N LEU E 157 -14.08 6.51 -34.73
CA LEU E 157 -15.50 6.33 -34.99
C LEU E 157 -16.04 7.47 -35.85
N ASP E 158 -15.70 8.71 -35.50
CA ASP E 158 -16.11 9.85 -36.32
C ASP E 158 -15.51 9.79 -37.70
N ARG E 159 -14.23 9.42 -37.80
CA ARG E 159 -13.60 9.31 -39.10
C ARG E 159 -14.34 8.32 -39.99
N SER E 160 -14.80 7.21 -39.40
CA SER E 160 -15.59 6.25 -40.16
C SER E 160 -16.91 6.85 -40.60
N MET E 161 -17.51 7.69 -39.77
CA MET E 161 -18.73 8.39 -40.17
C MET E 161 -18.49 9.26 -41.39
N LYS E 162 -17.38 10.01 -41.39
CA LYS E 162 -17.06 10.83 -42.55
C LYS E 162 -16.90 9.97 -43.79
N THR E 163 -16.24 8.82 -43.65
CA THR E 163 -16.11 7.90 -44.77
C THR E 163 -17.48 7.43 -45.26
N MET E 164 -18.33 7.00 -44.34
CA MET E 164 -19.67 6.55 -44.72
C MET E 164 -20.43 7.66 -45.45
N MET E 165 -20.39 8.87 -44.92
CA MET E 165 -21.06 9.98 -45.58
C MET E 165 -20.53 10.17 -46.99
N GLU E 166 -19.20 10.06 -47.16
CA GLU E 166 -18.63 10.22 -48.49
C GLU E 166 -19.16 9.18 -49.46
N THR E 167 -19.29 7.93 -49.02
CA THR E 167 -19.80 6.90 -49.92
C THR E 167 -21.21 7.24 -50.40
N MET E 168 -22.19 7.24 -49.49
CA MET E 168 -23.56 7.61 -49.87
C MET E 168 -23.59 9.06 -50.35
N LEU F 98 23.21 16.84 47.72
CA LEU F 98 21.86 16.81 47.13
C LEU F 98 21.71 17.91 46.09
N ALA F 99 22.21 19.10 46.41
CA ALA F 99 22.11 20.23 45.48
C ALA F 99 22.56 19.83 44.09
N GLU F 100 23.76 19.29 43.98
CA GLU F 100 24.24 18.80 42.69
C GLU F 100 23.46 17.58 42.22
N ASN F 101 22.82 16.84 43.13
CA ASN F 101 21.95 15.75 42.69
C ASN F 101 20.70 16.29 42.01
N SER F 102 20.28 17.50 42.36
CA SER F 102 19.19 18.15 41.65
C SER F 102 19.66 18.67 40.30
N MET F 103 20.90 19.17 40.26
CA MET F 103 21.46 19.68 39.02
C MET F 103 21.67 18.56 38.01
N ILE F 104 22.26 17.45 38.44
CA ILE F 104 22.47 16.31 37.55
C ILE F 104 21.12 15.84 37.00
N GLU F 105 20.09 15.82 37.86
CA GLU F 105 18.75 15.48 37.41
C GLU F 105 18.23 16.51 36.39
N ALA F 106 18.51 17.79 36.64
CA ALA F 106 18.08 18.83 35.71
C ALA F 106 18.66 18.61 34.32
N GLU F 107 19.93 18.22 34.23
CA GLU F 107 20.53 17.95 32.93
C GLU F 107 19.83 16.77 32.23
N GLU F 108 19.50 15.73 32.98
CA GLU F 108 18.84 14.57 32.38
C GLU F 108 17.49 14.94 31.80
N VAL F 109 16.66 15.66 32.57
CA VAL F 109 15.36 16.06 32.07
C VAL F 109 15.51 16.94 30.83
N ARG F 110 16.50 17.83 30.84
CA ARG F 110 16.73 18.68 29.67
C ARG F 110 17.05 17.84 28.44
N GLY F 111 17.95 16.85 28.59
CA GLY F 111 18.30 16.01 27.47
C GLY F 111 17.10 15.23 26.93
N THR F 112 16.39 14.56 27.84
CA THR F 112 15.24 13.75 27.42
C THR F 112 14.17 14.63 26.78
N LEU F 113 13.86 15.76 27.41
CA LEU F 113 12.84 16.64 26.85
C LEU F 113 13.26 17.16 25.48
N GLY F 114 14.55 17.45 25.31
CA GLY F 114 15.03 17.87 24.00
C GLY F 114 14.88 16.79 22.95
N ASP F 115 15.24 15.56 23.30
CA ASP F 115 15.01 14.45 22.37
C ASP F 115 13.55 14.29 22.05
N ILE F 116 12.68 14.48 23.06
CA ILE F 116 11.24 14.41 22.81
C ILE F 116 10.83 15.43 21.77
N SER F 117 11.20 16.68 21.98
CA SER F 117 10.87 17.73 21.02
C SER F 117 11.40 17.38 19.63
N ALA F 118 12.59 16.78 19.58
CA ALA F 118 13.17 16.40 18.29
C ALA F 118 12.27 15.41 17.57
N ARG F 119 11.79 14.38 18.29
CA ARG F 119 10.92 13.40 17.67
C ARG F 119 9.62 14.05 17.20
N ILE F 120 9.10 15.02 17.96
CA ILE F 120 7.88 15.72 17.56
C ILE F 120 8.08 16.44 16.24
N GLU F 121 9.15 17.24 16.14
CA GLU F 121 9.39 18.01 14.93
C GLU F 121 9.62 17.11 13.72
N ALA F 122 10.39 16.04 13.90
CA ALA F 122 10.65 15.12 12.81
C ALA F 122 9.36 14.52 12.28
N GLY F 123 8.52 14.00 13.18
CA GLY F 123 7.28 13.38 12.74
C GLY F 123 6.38 14.36 11.99
N PHE F 124 6.14 15.53 12.59
CA PHE F 124 5.26 16.51 11.95
C PHE F 124 5.83 16.96 10.61
N GLU F 125 7.14 17.21 10.56
CA GLU F 125 7.77 17.61 9.30
C GLU F 125 7.60 16.53 8.24
N SER F 126 7.76 15.27 8.64
CA SER F 126 7.63 14.16 7.69
C SER F 126 6.19 14.01 7.22
N LEU F 127 5.23 13.99 8.14
CA LEU F 127 3.83 13.81 7.75
C LEU F 127 3.37 14.91 6.82
N SER F 128 3.73 16.17 7.10
CA SER F 128 3.28 17.27 6.27
C SER F 128 3.84 17.17 4.86
N ALA F 129 5.12 16.81 4.72
CA ALA F 129 5.71 16.69 3.40
C ALA F 129 5.01 15.61 2.57
N LEU F 130 4.64 14.51 3.20
CA LEU F 130 3.92 13.45 2.50
C LEU F 130 2.46 13.78 2.25
N GLN F 131 1.87 14.70 3.03
CA GLN F 131 0.49 15.11 2.75
C GLN F 131 0.42 15.95 1.49
N VAL F 132 1.39 16.85 1.29
CA VAL F 132 1.43 17.61 0.05
C VAL F 132 1.72 16.68 -1.12
N GLU F 133 2.48 15.61 -0.88
CA GLU F 133 2.64 14.60 -1.91
C GLU F 133 1.30 13.93 -2.21
N THR F 134 0.46 13.77 -1.18
CA THR F 134 -0.85 13.16 -1.37
C THR F 134 -1.75 14.07 -2.20
N ILE F 135 -1.82 15.35 -1.85
CA ILE F 135 -2.70 16.28 -2.57
C ILE F 135 -2.27 16.37 -4.03
N GLN F 136 -0.96 16.35 -4.28
CA GLN F 136 -0.49 16.44 -5.65
C GLN F 136 -0.92 15.23 -6.46
N THR F 137 -0.80 14.03 -5.88
CA THR F 137 -1.28 12.84 -6.55
C THR F 137 -2.79 12.87 -6.72
N ALA F 138 -3.50 13.33 -5.69
CA ALA F 138 -4.96 13.42 -5.79
C ALA F 138 -5.37 14.35 -6.91
N GLN F 139 -4.75 15.53 -7.00
CA GLN F 139 -5.08 16.47 -8.06
C GLN F 139 -4.99 15.81 -9.42
N ARG F 140 -4.03 14.90 -9.61
CA ARG F 140 -3.89 14.21 -10.88
C ARG F 140 -5.14 13.41 -11.23
N CYS F 141 -5.81 12.85 -10.22
CA CYS F 141 -6.95 11.99 -10.48
C CYS F 141 -8.16 12.75 -10.99
N ASP F 142 -8.07 14.07 -11.13
CA ASP F 142 -9.16 14.87 -11.69
C ASP F 142 -9.06 14.86 -13.20
N HIS F 143 -10.08 14.29 -13.86
CA HIS F 143 -10.15 14.18 -15.31
C HIS F 143 -11.44 14.80 -15.82
N SER F 144 -11.86 15.90 -15.19
CA SER F 144 -13.14 16.51 -15.54
C SER F 144 -13.13 17.04 -16.98
N ASP F 145 -12.07 17.75 -17.35
CA ASP F 145 -12.00 18.29 -18.71
C ASP F 145 -12.00 17.16 -19.73
N SER F 146 -11.17 16.15 -19.52
CA SER F 146 -11.10 15.04 -20.47
C SER F 146 -12.46 14.37 -20.62
N ILE F 147 -13.09 14.04 -19.50
CA ILE F 147 -14.40 13.38 -19.58
C ILE F 147 -15.39 14.26 -20.33
N ARG F 148 -15.35 15.57 -20.09
CA ARG F 148 -16.35 16.45 -20.69
C ARG F 148 -16.10 16.60 -22.18
N ILE F 149 -14.86 16.86 -22.58
CA ILE F 149 -14.53 16.89 -24.00
C ILE F 149 -14.93 15.57 -24.64
N LEU F 150 -14.70 14.46 -23.92
CA LEU F 150 -15.09 13.14 -24.42
C LEU F 150 -16.59 13.09 -24.69
N GLY F 151 -17.39 13.55 -23.72
CA GLY F 151 -18.83 13.55 -23.91
C GLY F 151 -19.26 14.44 -25.06
N GLU F 152 -18.62 15.60 -25.19
CA GLU F 152 -18.93 16.48 -26.31
C GLU F 152 -18.62 15.81 -27.63
N ASN F 153 -17.59 14.95 -27.65
CA ASN F 153 -17.29 14.18 -28.85
C ASN F 153 -18.39 13.18 -29.18
N ILE F 154 -18.95 12.54 -28.14
CA ILE F 154 -20.08 11.63 -28.37
C ILE F 154 -21.26 12.37 -28.97
N LYS F 155 -21.49 13.61 -28.53
CA LYS F 155 -22.64 14.36 -29.03
C LYS F 155 -22.50 14.73 -30.50
N ILE F 156 -21.33 15.25 -30.89
CA ILE F 156 -21.10 15.50 -32.31
C ILE F 156 -21.28 14.22 -33.10
N LEU F 157 -20.76 13.11 -32.58
CA LEU F 157 -20.92 11.82 -33.26
C LEU F 157 -22.39 11.50 -33.46
N ASP F 158 -23.20 11.69 -32.42
CA ASP F 158 -24.63 11.46 -32.56
C ASP F 158 -25.24 12.38 -33.61
N ARG F 159 -24.86 13.66 -33.59
CA ARG F 159 -25.39 14.59 -34.59
C ARG F 159 -25.05 14.13 -36.01
N SER F 160 -23.84 13.62 -36.20
CA SER F 160 -23.44 13.15 -37.52
C SER F 160 -24.26 11.92 -37.93
N MET F 161 -24.56 11.03 -36.98
CA MET F 161 -25.44 9.91 -37.28
C MET F 161 -26.79 10.41 -37.74
N LYS F 162 -27.32 11.41 -37.05
CA LYS F 162 -28.60 12.00 -37.44
C LYS F 162 -28.52 12.58 -38.85
N THR F 163 -27.39 13.18 -39.22
CA THR F 163 -27.22 13.65 -40.60
C THR F 163 -27.36 12.49 -41.56
N MET F 164 -26.65 11.38 -41.30
CA MET F 164 -26.80 10.19 -42.13
C MET F 164 -28.25 9.74 -42.15
N MET F 165 -28.92 9.77 -41.00
CA MET F 165 -30.32 9.40 -40.92
C MET F 165 -31.15 10.21 -41.91
N GLU F 166 -30.89 11.52 -41.98
CA GLU F 166 -31.61 12.36 -42.93
C GLU F 166 -31.24 11.99 -44.36
N THR F 167 -29.95 11.81 -44.64
CA THR F 167 -29.52 11.45 -45.98
C THR F 167 -30.14 10.13 -46.42
N MET F 168 -30.10 9.11 -45.56
CA MET F 168 -30.66 7.81 -45.93
C MET F 168 -32.12 7.94 -46.32
N LYS F 169 -32.88 8.81 -45.65
CA LYS F 169 -34.26 9.03 -46.05
C LYS F 169 -34.33 9.58 -47.47
N LEU F 170 -33.43 10.50 -47.82
CA LEU F 170 -33.40 11.02 -49.18
C LEU F 170 -33.26 9.88 -50.19
N MET F 171 -32.43 8.90 -49.87
CA MET F 171 -32.18 7.79 -50.77
C MET F 171 -33.24 6.70 -50.60
N ASN G 101 17.00 27.32 44.13
CA ASN G 101 17.35 26.68 42.88
C ASN G 101 16.26 25.72 42.42
N SER G 102 15.44 25.27 43.37
CA SER G 102 14.33 24.39 43.03
C SER G 102 13.24 25.13 42.27
N MET G 103 12.96 26.38 42.66
CA MET G 103 11.94 27.16 41.96
C MET G 103 12.39 27.50 40.54
N ILE G 104 13.63 27.98 40.40
CA ILE G 104 14.15 28.31 39.08
C ILE G 104 14.14 27.09 38.18
N GLU G 105 14.54 25.94 38.71
CA GLU G 105 14.50 24.70 37.94
C GLU G 105 13.06 24.34 37.58
N ALA G 106 12.14 24.51 38.53
CA ALA G 106 10.74 24.23 38.23
C ALA G 106 10.25 25.12 37.09
N GLU G 107 10.65 26.39 37.10
CA GLU G 107 10.29 27.29 35.99
C GLU G 107 10.85 26.76 34.68
N GLU G 108 12.06 26.20 34.71
CA GLU G 108 12.65 25.64 33.50
C GLU G 108 11.78 24.52 32.96
N VAL G 109 11.34 23.60 33.83
CA VAL G 109 10.48 22.52 33.39
C VAL G 109 9.19 23.08 32.79
N ARG G 110 8.62 24.09 33.44
CA ARG G 110 7.40 24.70 32.94
C ARG G 110 7.62 25.35 31.57
N GLY G 111 8.71 26.09 31.43
CA GLY G 111 8.97 26.76 30.16
C GLY G 111 9.13 25.79 29.00
N THR G 112 10.01 24.80 29.17
CA THR G 112 10.24 23.85 28.08
C THR G 112 8.98 23.07 27.75
N LEU G 113 8.28 22.58 28.77
CA LEU G 113 7.06 21.82 28.52
C LEU G 113 6.02 22.66 27.80
N GLY G 114 5.94 23.95 28.15
CA GLY G 114 5.02 24.83 27.45
C GLY G 114 5.36 24.96 25.98
N ASP G 115 6.64 25.09 25.66
CA ASP G 115 7.05 25.09 24.26
C ASP G 115 6.68 23.78 23.59
N ILE G 116 6.82 22.67 24.31
CA ILE G 116 6.41 21.37 23.77
C ILE G 116 4.93 21.39 23.44
N SER G 117 4.09 21.76 24.41
CA SER G 117 2.66 21.81 24.18
C SER G 117 2.31 22.69 22.99
N ALA G 118 2.99 23.83 22.85
CA ALA G 118 2.71 24.73 21.73
C ALA G 118 3.02 24.04 20.40
N ARG G 119 4.19 23.39 20.31
CA ARG G 119 4.56 22.72 19.08
C ARG G 119 3.59 21.59 18.75
N ILE G 120 3.10 20.88 19.78
CA ILE G 120 2.13 19.82 19.54
C ILE G 120 0.88 20.38 18.90
N GLU G 121 0.31 21.43 19.48
CA GLU G 121 -0.92 21.99 18.94
C GLU G 121 -0.69 22.56 17.54
N ALA G 122 0.45 23.23 17.33
CA ALA G 122 0.75 23.76 16.01
C ALA G 122 0.79 22.64 14.97
N GLY G 123 1.53 21.57 15.27
CA GLY G 123 1.61 20.46 14.33
C GLY G 123 0.25 19.86 14.03
N PHE G 124 -0.52 19.53 15.08
CA PHE G 124 -1.82 18.91 14.87
C PHE G 124 -2.74 19.80 14.06
N GLU G 125 -2.77 21.10 14.39
CA GLU G 125 -3.63 22.02 13.65
C GLU G 125 -3.23 22.10 12.19
N SER G 126 -1.92 22.11 11.90
CA SER G 126 -1.46 22.20 10.52
C SER G 126 -1.79 20.92 9.75
N LEU G 127 -1.45 19.76 10.31
CA LEU G 127 -1.69 18.50 9.61
C LEU G 127 -3.17 18.30 9.33
N SER G 128 -4.03 18.63 10.29
CA SER G 128 -5.47 18.43 10.11
C SER G 128 -6.01 19.29 8.98
N ALA G 129 -5.54 20.53 8.88
CA ALA G 129 -6.01 21.40 7.79
C ALA G 129 -5.65 20.83 6.43
N LEU G 130 -4.47 20.23 6.32
CA LEU G 130 -4.08 19.61 5.05
C LEU G 130 -4.80 18.30 4.82
N GLN G 131 -5.31 17.65 5.87
CA GLN G 131 -6.11 16.46 5.67
C GLN G 131 -7.49 16.82 5.15
N VAL G 132 -8.10 17.88 5.70
CA VAL G 132 -9.37 18.36 5.17
C VAL G 132 -9.18 18.92 3.77
N GLU G 133 -8.04 19.54 3.51
CA GLU G 133 -7.73 19.96 2.15
C GLU G 133 -7.56 18.74 1.25
N THR G 134 -7.05 17.64 1.80
CA THR G 134 -6.86 16.42 1.01
C THR G 134 -8.22 15.82 0.60
N ILE G 135 -9.13 15.67 1.55
CA ILE G 135 -10.42 15.04 1.25
C ILE G 135 -11.20 15.88 0.24
N GLN G 136 -11.13 17.21 0.34
CA GLN G 136 -11.90 18.05 -0.57
C GLN G 136 -11.42 17.89 -2.00
N THR G 137 -10.10 17.86 -2.22
CA THR G 137 -9.59 17.62 -3.57
C THR G 137 -9.98 16.23 -4.04
N ALA G 138 -9.91 15.24 -3.16
CA ALA G 138 -10.34 13.90 -3.53
C ALA G 138 -11.79 13.90 -3.97
N GLN G 139 -12.65 14.58 -3.20
CA GLN G 139 -14.06 14.67 -3.58
C GLN G 139 -14.19 15.21 -5.00
N ARG G 140 -13.30 16.13 -5.38
CA ARG G 140 -13.32 16.66 -6.75
C ARG G 140 -13.06 15.55 -7.76
N CYS G 141 -12.20 14.59 -7.41
CA CYS G 141 -11.79 13.54 -8.33
C CYS G 141 -12.85 12.49 -8.57
N ASP G 142 -14.01 12.58 -7.92
CA ASP G 142 -15.09 11.64 -8.15
C ASP G 142 -15.88 12.09 -9.38
N HIS G 143 -15.89 11.27 -10.43
CA HIS G 143 -16.56 11.59 -11.69
C HIS G 143 -17.54 10.49 -12.07
N SER G 144 -18.21 9.90 -11.08
CA SER G 144 -19.11 8.79 -11.35
C SER G 144 -20.26 9.21 -12.25
N ASP G 145 -20.88 10.34 -11.95
CA ASP G 145 -22.01 10.80 -12.75
C ASP G 145 -21.60 11.04 -14.19
N SER G 146 -20.50 11.75 -14.41
CA SER G 146 -20.07 12.06 -15.77
C SER G 146 -19.83 10.77 -16.56
N ILE G 147 -19.08 9.83 -15.98
CA ILE G 147 -18.79 8.59 -16.69
C ILE G 147 -20.09 7.89 -17.07
N ARG G 148 -21.07 7.90 -16.16
CA ARG G 148 -22.31 7.17 -16.42
C ARG G 148 -23.11 7.85 -17.51
N ILE G 149 -23.27 9.17 -17.43
CA ILE G 149 -23.96 9.89 -18.49
C ILE G 149 -23.29 9.64 -19.84
N LEU G 150 -21.95 9.61 -19.85
CA LEU G 150 -21.23 9.34 -21.09
C LEU G 150 -21.60 7.96 -21.64
N GLY G 151 -21.60 6.95 -20.78
CA GLY G 151 -21.95 5.62 -21.24
C GLY G 151 -23.36 5.54 -21.78
N GLU G 152 -24.29 6.22 -21.11
CA GLU G 152 -25.66 6.24 -21.61
C GLU G 152 -25.74 6.90 -22.97
N ASN G 153 -24.88 7.90 -23.22
CA ASN G 153 -24.88 8.55 -24.53
C ASN G 153 -24.41 7.58 -25.62
N ILE G 154 -23.36 6.80 -25.34
CA ILE G 154 -22.94 5.79 -26.31
C ILE G 154 -24.05 4.77 -26.53
N LYS G 155 -24.82 4.47 -25.49
CA LYS G 155 -25.91 3.50 -25.63
C LYS G 155 -26.99 4.03 -26.55
N ILE G 156 -27.40 5.29 -26.38
CA ILE G 156 -28.34 5.89 -27.32
C ILE G 156 -27.78 5.81 -28.74
N LEU G 157 -26.49 6.10 -28.89
CA LEU G 157 -25.86 6.07 -30.21
C LEU G 157 -25.96 4.69 -30.84
N ASP G 158 -25.66 3.65 -30.06
CA ASP G 158 -25.76 2.28 -30.58
C ASP G 158 -27.19 1.94 -30.98
N ARG G 159 -28.18 2.30 -30.15
CA ARG G 159 -29.56 2.02 -30.50
C ARG G 159 -29.95 2.67 -31.82
N SER G 160 -29.47 3.90 -32.06
CA SER G 160 -29.74 4.55 -33.33
C SER G 160 -29.06 3.82 -34.49
N MET G 161 -27.88 3.26 -34.24
CA MET G 161 -27.24 2.44 -35.26
C MET G 161 -28.14 1.27 -35.65
N LYS G 162 -28.75 0.62 -34.65
CA LYS G 162 -29.68 -0.45 -34.95
C LYS G 162 -30.83 0.06 -35.81
N THR G 163 -31.30 1.28 -35.53
CA THR G 163 -32.33 1.89 -36.37
C THR G 163 -31.85 2.03 -37.81
N MET G 164 -30.63 2.54 -38.00
CA MET G 164 -30.11 2.69 -39.35
C MET G 164 -30.11 1.36 -40.10
N MET G 165 -29.64 0.30 -39.44
CA MET G 165 -29.65 -1.01 -40.08
C MET G 165 -31.07 -1.41 -40.46
N GLU G 166 -32.03 -1.18 -39.56
CA GLU G 166 -33.41 -1.54 -39.83
C GLU G 166 -33.96 -0.78 -41.02
N THR G 167 -33.65 0.52 -41.13
CA THR G 167 -34.13 1.27 -42.28
C THR G 167 -33.63 0.64 -43.57
N MET G 168 -32.32 0.42 -43.68
CA MET G 168 -31.75 -0.22 -44.85
C MET G 168 -32.29 -1.65 -44.99
N ASN H 101 7.22 22.00 49.34
CA ASN H 101 7.13 22.62 48.03
C ASN H 101 7.60 21.67 46.93
N SER H 102 8.42 20.69 47.30
CA SER H 102 8.90 19.72 46.32
C SER H 102 7.78 18.77 45.90
N MET H 103 6.94 18.33 46.84
CA MET H 103 5.84 17.44 46.49
C MET H 103 4.81 18.19 45.64
N ILE H 104 4.45 19.40 46.06
CA ILE H 104 3.51 20.19 45.27
C ILE H 104 4.09 20.43 43.88
N GLU H 105 5.38 20.70 43.81
CA GLU H 105 6.05 20.83 42.52
C GLU H 105 5.97 19.51 41.75
N ALA H 106 6.17 18.39 42.45
CA ALA H 106 6.04 17.10 41.79
C ALA H 106 4.63 16.90 41.25
N GLU H 107 3.62 17.23 42.05
CA GLU H 107 2.24 17.04 41.63
C GLU H 107 1.88 17.88 40.41
N GLU H 108 2.28 19.15 40.39
CA GLU H 108 1.97 19.98 39.23
C GLU H 108 2.65 19.46 37.97
N VAL H 109 3.92 19.05 38.08
CA VAL H 109 4.59 18.51 36.90
C VAL H 109 3.83 17.31 36.37
N ARG H 110 3.33 16.45 37.27
CA ARG H 110 2.54 15.32 36.82
C ARG H 110 1.27 15.79 36.11
N GLY H 111 0.59 16.78 36.68
CA GLY H 111 -0.62 17.28 36.06
C GLY H 111 -0.37 17.81 34.67
N THR H 112 0.65 18.66 34.52
CA THR H 112 0.95 19.22 33.20
C THR H 112 1.27 18.12 32.20
N LEU H 113 2.11 17.16 32.61
CA LEU H 113 2.46 16.07 31.71
C LEU H 113 1.22 15.26 31.34
N GLY H 114 0.31 15.07 32.30
CA GLY H 114 -0.94 14.40 31.97
C GLY H 114 -1.76 15.16 30.96
N ASP H 115 -1.84 16.48 31.12
CA ASP H 115 -2.49 17.30 30.10
C ASP H 115 -1.80 17.14 28.75
N ILE H 116 -0.47 17.03 28.76
CA ILE H 116 0.27 16.81 27.52
C ILE H 116 -0.18 15.50 26.88
N SER H 117 -0.18 14.42 27.66
CA SER H 117 -0.60 13.12 27.13
C SER H 117 -2.00 13.20 26.54
N ALA H 118 -2.88 13.96 27.17
CA ALA H 118 -4.25 14.09 26.68
C ALA H 118 -4.28 14.71 25.29
N ARG H 119 -3.54 15.80 25.10
CA ARG H 119 -3.52 16.46 23.79
C ARG H 119 -2.95 15.53 22.72
N ILE H 120 -1.94 14.73 23.07
CA ILE H 120 -1.34 13.81 22.10
C ILE H 120 -2.37 12.82 21.59
N GLU H 121 -3.06 12.13 22.51
CA GLU H 121 -4.02 11.11 22.11
C GLU H 121 -5.19 11.73 21.34
N ALA H 122 -5.69 12.88 21.81
CA ALA H 122 -6.80 13.53 21.12
C ALA H 122 -6.44 13.89 19.68
N GLY H 123 -5.29 14.55 19.50
CA GLY H 123 -4.89 14.95 18.16
C GLY H 123 -4.75 13.77 17.22
N PHE H 124 -3.97 12.76 17.63
CA PHE H 124 -3.72 11.63 16.75
C PHE H 124 -5.00 10.87 16.42
N GLU H 125 -5.87 10.67 17.41
CA GLU H 125 -7.12 9.97 17.15
C GLU H 125 -7.97 10.73 16.13
N SER H 126 -8.00 12.05 16.23
CA SER H 126 -8.79 12.84 15.28
C SER H 126 -8.19 12.74 13.88
N LEU H 127 -6.88 12.95 13.76
CA LEU H 127 -6.23 12.90 12.44
C LEU H 127 -6.41 11.53 11.81
N SER H 128 -6.27 10.47 12.59
CA SER H 128 -6.39 9.12 12.03
C SER H 128 -7.78 8.89 11.45
N ALA H 129 -8.82 9.33 12.15
CA ALA H 129 -10.17 9.17 11.63
C ALA H 129 -10.34 9.91 10.31
N LEU H 130 -9.71 11.08 10.19
CA LEU H 130 -9.77 11.83 8.95
C LEU H 130 -8.89 11.21 7.87
N GLN H 131 -7.89 10.42 8.26
CA GLN H 131 -7.11 9.69 7.27
C GLN H 131 -7.91 8.53 6.71
N VAL H 132 -8.67 7.84 7.57
CA VAL H 132 -9.54 6.77 7.09
C VAL H 132 -10.64 7.33 6.20
N GLU H 133 -11.14 8.53 6.53
CA GLU H 133 -12.09 9.18 5.64
C GLU H 133 -11.45 9.58 4.32
N THR H 134 -10.16 9.97 4.34
CA THR H 134 -9.50 10.36 3.10
C THR H 134 -9.34 9.16 2.18
N ILE H 135 -8.79 8.06 2.69
CA ILE H 135 -8.57 6.88 1.86
C ILE H 135 -9.89 6.32 1.35
N GLN H 136 -10.92 6.36 2.18
CA GLN H 136 -12.22 5.85 1.75
C GLN H 136 -12.80 6.71 0.63
N THR H 137 -12.71 8.03 0.75
CA THR H 137 -13.17 8.90 -0.33
C THR H 137 -12.32 8.71 -1.58
N ALA H 138 -11.02 8.53 -1.42
CA ALA H 138 -10.16 8.28 -2.57
C ALA H 138 -10.62 7.03 -3.32
N GLN H 139 -10.98 5.98 -2.59
CA GLN H 139 -11.46 4.76 -3.23
C GLN H 139 -12.62 5.05 -4.18
N ARG H 140 -13.47 6.01 -3.81
CA ARG H 140 -14.59 6.37 -4.69
C ARG H 140 -14.11 6.91 -6.02
N CYS H 141 -13.00 7.66 -6.03
CA CYS H 141 -12.53 8.31 -7.24
C CYS H 141 -11.92 7.34 -8.24
N ASP H 142 -11.84 6.05 -7.93
CA ASP H 142 -11.35 5.05 -8.86
C ASP H 142 -12.52 4.59 -9.72
N HIS H 143 -12.43 4.83 -11.03
CA HIS H 143 -13.47 4.49 -11.99
C HIS H 143 -12.93 3.62 -13.11
N SER H 144 -12.00 2.72 -12.76
CA SER H 144 -11.35 1.89 -13.78
C SER H 144 -12.36 0.99 -14.46
N ASP H 145 -13.20 0.31 -13.68
CA ASP H 145 -14.19 -0.60 -14.26
C ASP H 145 -15.14 0.16 -15.16
N SER H 146 -15.70 1.27 -14.67
CA SER H 146 -16.66 2.03 -15.46
C SER H 146 -16.03 2.49 -16.77
N ILE H 147 -14.82 3.06 -16.69
CA ILE H 147 -14.15 3.53 -17.90
C ILE H 147 -14.00 2.39 -18.90
N ARG H 148 -13.71 1.19 -18.42
CA ARG H 148 -13.43 0.08 -19.33
C ARG H 148 -14.69 -0.39 -20.05
N ILE H 149 -15.79 -0.60 -19.31
CA ILE H 149 -17.05 -0.91 -19.97
C ILE H 149 -17.40 0.17 -20.97
N LEU H 150 -17.10 1.42 -20.61
CA LEU H 150 -17.35 2.54 -21.51
C LEU H 150 -16.61 2.35 -22.83
N GLY H 151 -15.31 2.03 -22.75
CA GLY H 151 -14.55 1.82 -23.97
C GLY H 151 -15.01 0.62 -24.76
N GLU H 152 -15.31 -0.48 -24.08
CA GLU H 152 -15.78 -1.67 -24.79
C GLU H 152 -17.08 -1.39 -25.52
N ASN H 153 -17.91 -0.51 -24.97
CA ASN H 153 -19.15 -0.14 -25.65
C ASN H 153 -18.87 0.63 -26.93
N ILE H 154 -17.93 1.58 -26.88
CA ILE H 154 -17.54 2.28 -28.10
C ILE H 154 -16.94 1.29 -29.10
N LYS H 155 -16.24 0.26 -28.61
CA LYS H 155 -15.66 -0.72 -29.50
C LYS H 155 -16.74 -1.49 -30.25
N ILE H 156 -17.80 -1.90 -29.53
CA ILE H 156 -18.95 -2.50 -30.19
C ILE H 156 -19.50 -1.57 -31.26
N LEU H 157 -19.58 -0.27 -30.93
CA LEU H 157 -20.11 0.70 -31.90
C LEU H 157 -19.26 0.72 -33.16
N ASP H 158 -17.94 0.71 -33.02
CA ASP H 158 -17.07 0.65 -34.20
C ASP H 158 -17.32 -0.64 -34.99
N ARG H 159 -17.43 -1.76 -34.29
CA ARG H 159 -17.73 -3.01 -34.98
C ARG H 159 -19.02 -2.89 -35.78
N SER H 160 -20.02 -2.20 -35.20
CA SER H 160 -21.27 -1.98 -35.92
C SER H 160 -21.05 -1.08 -37.13
N MET H 161 -20.15 -0.09 -37.01
CA MET H 161 -19.81 0.72 -38.18
C MET H 161 -19.25 -0.14 -39.29
N LYS H 162 -18.33 -1.05 -38.96
CA LYS H 162 -17.79 -1.95 -39.96
C LYS H 162 -18.88 -2.82 -40.57
N THR H 163 -19.81 -3.30 -39.75
CA THR H 163 -20.94 -4.06 -40.29
C THR H 163 -21.73 -3.22 -41.28
N MET H 164 -22.05 -1.98 -40.90
CA MET H 164 -22.73 -1.08 -41.84
C MET H 164 -21.89 -0.89 -43.10
N MET H 165 -20.58 -0.71 -42.93
CA MET H 165 -19.70 -0.49 -44.08
C MET H 165 -19.84 -1.63 -45.10
N GLU H 166 -19.81 -2.87 -44.64
CA GLU H 166 -19.93 -3.99 -45.57
C GLU H 166 -21.29 -3.99 -46.25
N THR H 167 -22.35 -3.71 -45.49
CA THR H 167 -23.69 -3.64 -46.07
C THR H 167 -23.76 -2.56 -47.15
N MET H 168 -23.23 -1.36 -46.86
CA MET H 168 -23.29 -0.29 -47.86
C MET H 168 -22.64 -0.73 -49.17
N LYS H 169 -21.49 -1.40 -49.09
CA LYS H 169 -20.86 -1.92 -50.30
C LYS H 169 -21.80 -2.83 -51.04
N LEU H 170 -22.60 -3.62 -50.31
CA LEU H 170 -23.66 -4.40 -50.95
C LEU H 170 -24.60 -3.50 -51.72
N MET H 171 -24.88 -2.31 -51.19
CA MET H 171 -25.72 -1.31 -51.86
C MET H 171 -26.99 -1.94 -52.41
#